data_1VIN
#
_entry.id   1VIN
#
_cell.length_a   52.700
_cell.length_b   60.900
_cell.length_c   83.500
_cell.angle_alpha   90.00
_cell.angle_beta   90.00
_cell.angle_gamma   90.00
#
_symmetry.space_group_name_H-M   'P 21 21 21'
#
loop_
_entity.id
_entity.type
_entity.pdbx_description
1 polymer 'CYCLIN A'
2 water water
#
_entity_poly.entity_id   1
_entity_poly.type   'polypeptide(L)'
_entity_poly.pdbx_seq_one_letter_code
;GVNEVPDYHEDIHTYLREMEVKCKPKVGYMKKQPDITNSMRAILVDWLVEVGEEYKLQNETLHLAVNYIDRFLSSMSVLR
GKLQLVGTAAMLLASKFEEIYPPEVAEFVYITDDTYTKKQVLRMEHLVLKVLAFDLAAPTINQFLTQYFLHQQPANCKVE
SLAMFLGELSLIDADPYLKYLPSVIAAAAFHLALYTVTGQSWPESLVQKTGYTLETLKPCLLDLHQTYLRAPQHAQQSIR
EKYKNSKYHGVSLLNPPETLNLHHHHHH
;
_entity_poly.pdbx_strand_id   A
#
# COMPACT_ATOMS: atom_id res chain seq x y z
N ASP A 11 8.84 22.07 5.92
CA ASP A 11 9.52 20.83 5.56
C ASP A 11 8.54 19.71 5.19
N ILE A 12 8.94 18.96 4.17
CA ILE A 12 8.16 17.88 3.61
C ILE A 12 7.67 16.86 4.64
N HIS A 13 8.49 16.53 5.62
CA HIS A 13 8.03 15.54 6.60
C HIS A 13 6.78 15.95 7.35
N THR A 14 6.79 17.15 7.92
CA THR A 14 5.64 17.67 8.67
C THR A 14 4.38 17.76 7.80
N TYR A 15 4.57 18.14 6.53
CA TYR A 15 3.49 18.24 5.59
C TYR A 15 2.83 16.86 5.45
N LEU A 16 3.66 15.85 5.19
CA LEU A 16 3.21 14.48 5.04
C LEU A 16 2.48 13.98 6.28
N ARG A 17 2.95 14.36 7.45
CA ARG A 17 2.33 13.92 8.71
C ARG A 17 0.97 14.55 8.93
N GLU A 18 0.80 15.76 8.39
CA GLU A 18 -0.48 16.47 8.52
C GLU A 18 -1.46 15.91 7.46
N MET A 19 -0.98 15.80 6.23
CA MET A 19 -1.78 15.27 5.14
C MET A 19 -2.24 13.82 5.31
N GLU A 20 -1.43 12.97 5.93
CA GLU A 20 -1.85 11.59 6.09
C GLU A 20 -3.06 11.42 6.98
N VAL A 21 -3.16 12.29 7.98
CA VAL A 21 -4.30 12.25 8.89
C VAL A 21 -5.54 12.76 8.13
N LYS A 22 -5.34 13.77 7.28
CA LYS A 22 -6.40 14.33 6.47
C LYS A 22 -6.84 13.40 5.35
N CYS A 23 -5.95 12.51 4.92
CA CYS A 23 -6.27 11.60 3.83
C CYS A 23 -6.63 10.19 4.22
N LYS A 24 -6.64 9.90 5.51
CA LYS A 24 -6.92 8.54 5.98
C LYS A 24 -8.36 8.07 5.83
N PRO A 25 -8.55 6.83 5.36
CA PRO A 25 -9.92 6.32 5.21
C PRO A 25 -10.48 5.95 6.58
N LYS A 26 -11.80 5.75 6.67
CA LYS A 26 -12.43 5.37 7.93
C LYS A 26 -12.00 3.95 8.29
N VAL A 27 -11.45 3.76 9.48
CA VAL A 27 -10.96 2.44 9.88
C VAL A 27 -11.93 1.27 9.75
N GLY A 28 -13.16 1.44 10.26
CA GLY A 28 -14.13 0.37 10.17
C GLY A 28 -15.22 0.61 9.15
N TYR A 29 -14.85 1.07 7.96
CA TYR A 29 -15.85 1.35 6.93
C TYR A 29 -16.49 0.08 6.39
N MET A 30 -15.71 -0.99 6.38
CA MET A 30 -16.19 -2.26 5.85
C MET A 30 -17.43 -2.81 6.54
N LYS A 31 -17.65 -2.42 7.79
CA LYS A 31 -18.81 -2.90 8.54
C LYS A 31 -20.10 -2.31 7.99
N LYS A 32 -20.00 -1.12 7.42
CA LYS A 32 -21.16 -0.45 6.86
C LYS A 32 -21.45 -0.84 5.41
N GLN A 33 -20.57 -1.65 4.83
CA GLN A 33 -20.74 -2.11 3.44
C GLN A 33 -21.62 -3.37 3.47
N PRO A 34 -22.80 -3.28 2.85
CA PRO A 34 -23.76 -4.39 2.79
C PRO A 34 -23.49 -5.52 1.80
N ASP A 35 -22.67 -5.27 0.77
CA ASP A 35 -22.41 -6.27 -0.25
C ASP A 35 -20.96 -6.74 -0.38
N ILE A 36 -20.01 -5.97 0.14
CA ILE A 36 -18.60 -6.36 0.01
C ILE A 36 -17.92 -6.68 1.35
N THR A 37 -16.82 -7.42 1.28
CA THR A 37 -16.08 -7.80 2.49
C THR A 37 -14.57 -7.54 2.36
N ASN A 38 -13.85 -7.67 3.48
CA ASN A 38 -12.38 -7.49 3.50
C ASN A 38 -11.75 -8.46 2.52
N SER A 39 -12.29 -9.67 2.47
CA SER A 39 -11.81 -10.71 1.59
C SER A 39 -11.87 -10.29 0.12
N MET A 40 -12.96 -9.64 -0.24
CA MET A 40 -13.14 -9.18 -1.61
C MET A 40 -12.08 -8.12 -1.90
N ARG A 41 -11.88 -7.24 -0.90
CA ARG A 41 -10.92 -6.16 -1.00
C ARG A 41 -9.52 -6.73 -1.18
N ALA A 42 -9.20 -7.81 -0.47
CA ALA A 42 -7.88 -8.42 -0.56
C ALA A 42 -7.58 -8.90 -1.99
N ILE A 43 -8.57 -9.55 -2.62
CA ILE A 43 -8.44 -10.07 -3.98
C ILE A 43 -8.26 -8.90 -4.95
N LEU A 44 -9.08 -7.86 -4.79
CA LEU A 44 -8.98 -6.66 -5.63
C LEU A 44 -7.57 -6.03 -5.61
N VAL A 45 -7.02 -5.81 -4.41
CA VAL A 45 -5.70 -5.18 -4.26
C VAL A 45 -4.60 -6.04 -4.90
N ASP A 46 -4.74 -7.35 -4.69
CA ASP A 46 -3.81 -8.32 -5.24
C ASP A 46 -3.80 -8.26 -6.75
N TRP A 47 -4.99 -8.02 -7.31
CA TRP A 47 -5.18 -7.95 -8.75
C TRP A 47 -4.52 -6.65 -9.27
N LEU A 48 -4.62 -5.56 -8.52
CA LEU A 48 -3.99 -4.30 -8.94
C LEU A 48 -2.47 -4.44 -8.92
N VAL A 49 -1.97 -5.22 -7.97
CA VAL A 49 -0.53 -5.46 -7.93
C VAL A 49 -0.18 -6.14 -9.27
N GLU A 50 -1.03 -7.08 -9.73
CA GLU A 50 -0.78 -7.77 -11.01
C GLU A 50 -0.78 -6.77 -12.15
N VAL A 51 -1.77 -5.89 -12.15
CA VAL A 51 -1.91 -4.85 -13.17
C VAL A 51 -0.67 -3.95 -13.23
N GLY A 52 -0.23 -3.47 -12.06
CA GLY A 52 0.93 -2.63 -11.97
C GLY A 52 2.17 -3.32 -12.54
N GLU A 53 2.26 -4.61 -12.28
CA GLU A 53 3.38 -5.39 -12.80
C GLU A 53 3.36 -5.37 -14.32
N GLU A 54 2.18 -5.70 -14.85
CA GLU A 54 1.95 -5.76 -16.28
C GLU A 54 2.18 -4.45 -17.05
N TYR A 55 1.69 -3.34 -16.52
CA TYR A 55 1.90 -2.07 -17.21
C TYR A 55 3.17 -1.38 -16.70
N LYS A 56 3.94 -2.09 -15.89
CA LYS A 56 5.19 -1.59 -15.34
C LYS A 56 4.96 -0.24 -14.68
N LEU A 57 3.96 -0.20 -13.80
CA LEU A 57 3.62 1.03 -13.10
C LEU A 57 4.48 1.17 -11.83
N GLN A 58 4.67 2.40 -11.40
CA GLN A 58 5.42 2.67 -10.18
C GLN A 58 4.69 2.08 -8.98
N ASN A 59 5.42 1.70 -7.94
CA ASN A 59 4.80 1.14 -6.74
C ASN A 59 4.01 2.23 -6.07
N GLU A 60 4.40 3.48 -6.30
CA GLU A 60 3.71 4.61 -5.71
C GLU A 60 2.26 4.69 -6.20
N THR A 61 2.05 4.40 -7.47
CA THR A 61 0.73 4.41 -8.07
C THR A 61 -0.19 3.41 -7.39
N LEU A 62 0.38 2.25 -7.10
CA LEU A 62 -0.34 1.18 -6.45
C LEU A 62 -0.77 1.60 -5.08
N HIS A 63 0.13 2.29 -4.37
CA HIS A 63 -0.20 2.75 -3.01
C HIS A 63 -1.34 3.78 -3.04
N LEU A 64 -1.25 4.71 -3.99
CA LEU A 64 -2.22 5.78 -4.21
C LEU A 64 -3.63 5.21 -4.54
N ALA A 65 -3.65 4.20 -5.40
CA ALA A 65 -4.90 3.55 -5.83
C ALA A 65 -5.60 2.95 -4.65
N VAL A 66 -4.83 2.26 -3.80
CA VAL A 66 -5.42 1.63 -2.62
C VAL A 66 -6.02 2.70 -1.71
N ASN A 67 -5.29 3.78 -1.50
CA ASN A 67 -5.83 4.89 -0.73
C ASN A 67 -7.15 5.44 -1.35
N TYR A 68 -7.20 5.59 -2.67
CA TYR A 68 -8.40 6.11 -3.31
C TYR A 68 -9.58 5.18 -3.03
N ILE A 69 -9.39 3.88 -3.26
CA ILE A 69 -10.42 2.87 -3.03
C ILE A 69 -10.90 2.87 -1.58
N ASP A 70 -9.99 2.98 -0.63
CA ASP A 70 -10.42 2.97 0.77
C ASP A 70 -11.15 4.24 1.14
N ARG A 71 -10.74 5.39 0.58
CA ARG A 71 -11.46 6.62 0.90
C ARG A 71 -12.84 6.59 0.21
N PHE A 72 -12.89 6.00 -0.97
CA PHE A 72 -14.13 5.88 -1.72
C PHE A 72 -15.13 5.01 -0.96
N LEU A 73 -14.68 3.82 -0.57
CA LEU A 73 -15.53 2.88 0.17
C LEU A 73 -15.89 3.37 1.55
N SER A 74 -15.18 4.40 2.02
CA SER A 74 -15.44 5.01 3.31
C SER A 74 -16.58 6.01 3.15
N SER A 75 -16.95 6.32 1.92
CA SER A 75 -18.01 7.29 1.67
C SER A 75 -19.19 6.68 0.94
N MET A 76 -18.91 5.78 0.00
CA MET A 76 -19.95 5.19 -0.82
C MET A 76 -20.06 3.66 -0.80
N SER A 77 -21.29 3.17 -0.68
CA SER A 77 -21.57 1.74 -0.69
C SER A 77 -21.44 1.24 -2.12
N VAL A 78 -20.93 0.03 -2.28
CA VAL A 78 -20.74 -0.54 -3.60
C VAL A 78 -21.23 -1.99 -3.62
N LEU A 79 -21.76 -2.41 -4.76
CA LEU A 79 -22.22 -3.79 -4.93
C LEU A 79 -20.99 -4.50 -5.49
N ARG A 80 -20.73 -5.72 -5.02
CA ARG A 80 -19.58 -6.51 -5.46
C ARG A 80 -19.36 -6.48 -6.95
N GLY A 81 -20.46 -6.36 -7.72
CA GLY A 81 -20.38 -6.32 -9.17
C GLY A 81 -19.63 -5.12 -9.72
N LYS A 82 -19.53 -4.05 -8.92
CA LYS A 82 -18.84 -2.84 -9.33
C LYS A 82 -17.52 -2.62 -8.56
N LEU A 83 -17.16 -3.55 -7.68
CA LEU A 83 -15.94 -3.40 -6.89
C LEU A 83 -14.72 -3.30 -7.80
N GLN A 84 -14.67 -4.16 -8.81
CA GLN A 84 -13.56 -4.17 -9.75
C GLN A 84 -13.48 -2.88 -10.57
N LEU A 85 -14.63 -2.28 -10.84
CA LEU A 85 -14.66 -1.02 -11.61
C LEU A 85 -14.10 0.08 -10.70
N VAL A 86 -14.43 0.02 -9.41
CA VAL A 86 -13.93 1.03 -8.48
C VAL A 86 -12.42 0.92 -8.48
N GLY A 87 -11.91 -0.31 -8.47
CA GLY A 87 -10.48 -0.54 -8.48
C GLY A 87 -9.83 -0.04 -9.77
N THR A 88 -10.46 -0.33 -10.91
CA THR A 88 -9.93 0.07 -12.23
C THR A 88 -9.92 1.58 -12.34
N ALA A 89 -10.97 2.20 -11.80
CA ALA A 89 -11.09 3.65 -11.86
C ALA A 89 -10.00 4.27 -11.00
N ALA A 90 -9.83 3.71 -9.81
CA ALA A 90 -8.80 4.20 -8.89
C ALA A 90 -7.38 4.08 -9.48
N MET A 91 -7.09 2.98 -10.17
CA MET A 91 -5.76 2.80 -10.79
C MET A 91 -5.59 3.80 -11.92
N LEU A 92 -6.67 4.10 -12.64
CA LEU A 92 -6.65 5.07 -13.75
C LEU A 92 -6.29 6.42 -13.16
N LEU A 93 -7.01 6.80 -12.12
CA LEU A 93 -6.79 8.05 -11.44
C LEU A 93 -5.36 8.19 -10.91
N ALA A 94 -4.87 7.11 -10.31
CA ALA A 94 -3.52 7.09 -9.76
C ALA A 94 -2.46 7.18 -10.88
N SER A 95 -2.65 6.44 -11.97
CA SER A 95 -1.67 6.50 -13.05
C SER A 95 -1.59 7.89 -13.68
N LYS A 96 -2.73 8.54 -13.85
CA LYS A 96 -2.78 9.88 -14.42
C LYS A 96 -2.12 10.88 -13.49
N PHE A 97 -2.37 10.71 -12.20
CA PHE A 97 -1.79 11.60 -11.21
C PHE A 97 -0.27 11.41 -11.04
N GLU A 98 0.18 10.15 -11.03
CA GLU A 98 1.59 9.78 -10.82
C GLU A 98 2.49 9.41 -11.99
N GLU A 99 1.99 8.62 -12.91
CA GLU A 99 2.76 8.16 -14.06
C GLU A 99 3.03 9.20 -15.13
N ILE A 100 4.19 9.10 -15.76
CA ILE A 100 4.55 10.03 -16.84
C ILE A 100 3.84 9.57 -18.10
N TYR A 101 3.74 8.25 -18.30
CA TYR A 101 3.03 7.69 -19.44
C TYR A 101 1.94 6.78 -18.87
N PRO A 102 0.89 7.37 -18.28
CA PRO A 102 -0.13 6.45 -17.77
C PRO A 102 -0.88 5.77 -18.91
N PRO A 103 -1.30 4.50 -18.71
CA PRO A 103 -2.04 3.82 -19.80
C PRO A 103 -3.38 4.54 -20.02
N GLU A 104 -3.96 4.38 -21.21
CA GLU A 104 -5.25 5.00 -21.54
C GLU A 104 -6.41 4.13 -21.10
N VAL A 105 -7.57 4.73 -20.90
CA VAL A 105 -8.80 4.03 -20.49
C VAL A 105 -8.91 2.68 -21.21
N ALA A 106 -8.65 2.70 -22.52
CA ALA A 106 -8.71 1.49 -23.35
C ALA A 106 -7.97 0.32 -22.72
N GLU A 107 -6.77 0.60 -22.21
CA GLU A 107 -5.94 -0.41 -21.57
C GLU A 107 -6.56 -0.92 -20.29
N PHE A 108 -7.05 -0.01 -19.46
CA PHE A 108 -7.66 -0.39 -18.20
C PHE A 108 -8.96 -1.13 -18.46
N VAL A 109 -9.55 -0.92 -19.63
CA VAL A 109 -10.77 -1.64 -19.98
C VAL A 109 -10.32 -3.05 -20.36
N TYR A 110 -9.27 -3.10 -21.18
CA TYR A 110 -8.71 -4.36 -21.65
C TYR A 110 -8.37 -5.29 -20.49
N ILE A 111 -7.75 -4.76 -19.44
CA ILE A 111 -7.37 -5.59 -18.30
C ILE A 111 -8.52 -6.26 -17.57
N THR A 112 -9.67 -5.62 -17.58
CA THR A 112 -10.83 -6.18 -16.92
C THR A 112 -11.42 -7.31 -17.77
N ASP A 113 -10.73 -7.65 -18.85
CA ASP A 113 -11.19 -8.71 -19.75
C ASP A 113 -12.56 -8.35 -20.28
N ASP A 114 -12.75 -7.05 -20.55
CA ASP A 114 -14.01 -6.52 -21.06
C ASP A 114 -15.22 -6.79 -20.16
N THR A 115 -15.01 -6.72 -18.86
CA THR A 115 -16.09 -6.90 -17.91
C THR A 115 -16.88 -5.59 -17.93
N TYR A 116 -16.17 -4.51 -18.25
CA TYR A 116 -16.74 -3.18 -18.30
C TYR A 116 -16.38 -2.45 -19.60
N THR A 117 -17.20 -1.46 -19.96
CA THR A 117 -16.96 -0.69 -21.17
C THR A 117 -16.19 0.56 -20.80
N LYS A 118 -15.65 1.25 -21.81
CA LYS A 118 -14.88 2.47 -21.60
C LYS A 118 -15.76 3.52 -20.96
N LYS A 119 -17.02 3.60 -21.40
CA LYS A 119 -17.96 4.58 -20.86
C LYS A 119 -18.21 4.32 -19.38
N GLN A 120 -18.17 3.05 -18.98
CA GLN A 120 -18.36 2.67 -17.58
C GLN A 120 -17.17 3.11 -16.74
N VAL A 121 -15.96 2.90 -17.26
CA VAL A 121 -14.78 3.32 -16.53
C VAL A 121 -14.82 4.86 -16.42
N LEU A 122 -15.14 5.57 -17.50
CA LEU A 122 -15.22 7.03 -17.48
C LEU A 122 -16.17 7.59 -16.41
N ARG A 123 -17.34 6.96 -16.27
CA ARG A 123 -18.29 7.41 -15.27
C ARG A 123 -17.77 7.19 -13.83
N MET A 124 -17.20 6.01 -13.57
CA MET A 124 -16.66 5.72 -12.21
C MET A 124 -15.51 6.69 -11.92
N GLU A 125 -14.68 6.91 -12.91
CA GLU A 125 -13.56 7.82 -12.76
C GLU A 125 -14.08 9.16 -12.25
N HIS A 126 -15.15 9.65 -12.85
CA HIS A 126 -15.71 10.92 -12.40
C HIS A 126 -16.35 10.80 -11.04
N LEU A 127 -16.90 9.62 -10.69
CA LEU A 127 -17.54 9.41 -9.39
C LEU A 127 -16.55 9.35 -8.23
N VAL A 128 -15.48 8.56 -8.40
CA VAL A 128 -14.45 8.43 -7.39
C VAL A 128 -13.80 9.79 -7.16
N LEU A 129 -13.47 10.46 -8.26
CA LEU A 129 -12.85 11.78 -8.22
C LEU A 129 -13.68 12.77 -7.41
N LYS A 130 -14.99 12.76 -7.65
CA LYS A 130 -15.88 13.65 -6.93
C LYS A 130 -15.95 13.28 -5.46
N VAL A 131 -16.04 11.97 -5.20
CA VAL A 131 -16.09 11.45 -3.84
C VAL A 131 -14.82 11.76 -3.07
N LEU A 132 -13.69 11.80 -3.77
CA LEU A 132 -12.39 12.11 -3.16
C LEU A 132 -12.20 13.61 -2.98
N ALA A 133 -13.24 14.40 -3.21
CA ALA A 133 -13.15 15.86 -3.08
C ALA A 133 -12.08 16.40 -4.01
N PHE A 134 -11.81 15.65 -5.08
CA PHE A 134 -10.81 16.00 -6.08
C PHE A 134 -9.40 16.08 -5.52
N ASP A 135 -9.20 15.49 -4.34
CA ASP A 135 -7.88 15.49 -3.72
C ASP A 135 -7.20 14.15 -3.90
N LEU A 136 -6.18 14.16 -4.75
CA LEU A 136 -5.45 12.95 -5.06
C LEU A 136 -4.08 12.83 -4.42
N ALA A 137 -3.47 13.94 -4.01
CA ALA A 137 -2.14 13.87 -3.39
C ALA A 137 -2.21 13.35 -1.95
N ALA A 138 -2.19 12.03 -1.79
CA ALA A 138 -2.24 11.45 -0.45
C ALA A 138 -0.91 10.77 -0.04
N PRO A 139 -0.49 10.98 1.22
CA PRO A 139 0.75 10.42 1.78
C PRO A 139 0.69 8.90 1.85
N THR A 140 1.60 8.24 1.15
CA THR A 140 1.62 6.79 1.16
C THR A 140 2.81 6.27 1.95
N ILE A 141 2.79 4.95 2.20
CA ILE A 141 3.87 4.27 2.88
C ILE A 141 5.20 4.56 2.17
N ASN A 142 5.24 4.43 0.83
CA ASN A 142 6.44 4.71 0.05
C ASN A 142 7.00 6.11 0.25
N GLN A 143 6.12 7.09 0.40
CA GLN A 143 6.53 8.49 0.59
C GLN A 143 7.31 8.65 1.89
N PHE A 144 6.83 7.98 2.94
CA PHE A 144 7.51 8.04 4.24
C PHE A 144 8.81 7.25 4.22
N LEU A 145 8.78 6.08 3.58
CA LEU A 145 9.95 5.23 3.45
C LEU A 145 11.05 6.01 2.74
N THR A 146 10.67 6.81 1.75
CA THR A 146 11.64 7.62 1.01
C THR A 146 12.38 8.57 1.97
N GLN A 147 11.67 9.08 2.97
CA GLN A 147 12.26 10.00 3.94
C GLN A 147 13.13 9.20 4.93
N TYR A 148 12.62 8.06 5.37
CA TYR A 148 13.35 7.18 6.29
C TYR A 148 14.67 6.68 5.70
N PHE A 149 14.63 6.27 4.43
CA PHE A 149 15.82 5.76 3.74
C PHE A 149 17.02 6.71 3.79
N LEU A 150 16.77 8.00 4.04
CA LEU A 150 17.83 9.01 4.14
C LEU A 150 18.65 8.84 5.43
N HIS A 151 18.08 8.23 6.44
CA HIS A 151 18.81 8.01 7.68
C HIS A 151 19.57 6.69 7.65
N GLN A 152 19.40 5.97 6.55
CA GLN A 152 20.07 4.69 6.36
C GLN A 152 21.48 5.07 5.93
N GLN A 153 22.36 5.23 6.91
CA GLN A 153 23.77 5.63 6.72
C GLN A 153 24.28 5.16 5.35
N PRO A 154 24.84 3.94 5.23
CA PRO A 154 25.23 3.67 3.83
C PRO A 154 23.98 2.98 3.28
N ALA A 155 23.41 3.52 2.20
CA ALA A 155 22.20 2.91 1.64
C ALA A 155 22.35 1.40 1.42
N ASN A 156 21.30 0.66 1.76
CA ASN A 156 21.32 -0.78 1.61
C ASN A 156 20.08 -1.17 0.81
N CYS A 157 20.27 -1.44 -0.47
CA CYS A 157 19.21 -1.80 -1.38
C CYS A 157 18.31 -2.95 -0.94
N LYS A 158 18.91 -4.05 -0.51
CA LYS A 158 18.12 -5.18 -0.03
C LYS A 158 17.20 -4.76 1.14
N VAL A 159 17.69 -3.91 2.04
CA VAL A 159 16.88 -3.46 3.18
C VAL A 159 15.72 -2.62 2.64
N GLU A 160 16.02 -1.85 1.61
CA GLU A 160 15.05 -0.99 0.98
C GLU A 160 13.95 -1.82 0.30
N SER A 161 14.35 -2.86 -0.41
CA SER A 161 13.40 -3.71 -1.11
C SER A 161 12.56 -4.53 -0.16
N LEU A 162 13.09 -4.86 1.02
CA LEU A 162 12.33 -5.63 1.98
C LEU A 162 11.32 -4.71 2.68
N ALA A 163 11.73 -3.45 2.92
CA ALA A 163 10.84 -2.49 3.57
C ALA A 163 9.65 -2.29 2.63
N MET A 164 9.93 -2.18 1.35
CA MET A 164 8.88 -2.01 0.36
C MET A 164 7.94 -3.21 0.29
N PHE A 165 8.52 -4.41 0.27
CA PHE A 165 7.76 -5.65 0.24
C PHE A 165 6.75 -5.75 1.40
N LEU A 166 7.24 -5.44 2.60
CA LEU A 166 6.43 -5.47 3.80
C LEU A 166 5.34 -4.40 3.72
N GLY A 167 5.73 -3.22 3.24
CA GLY A 167 4.77 -2.14 3.09
C GLY A 167 3.64 -2.58 2.18
N GLU A 168 3.97 -3.28 1.09
CA GLU A 168 2.93 -3.74 0.15
C GLU A 168 1.99 -4.77 0.73
N LEU A 169 2.54 -5.74 1.45
CA LEU A 169 1.72 -6.77 2.10
C LEU A 169 0.61 -6.13 2.93
N SER A 170 0.90 -5.00 3.56
CA SER A 170 -0.09 -4.35 4.40
C SER A 170 -1.32 -3.87 3.64
N LEU A 171 -1.14 -3.53 2.37
CA LEU A 171 -2.25 -3.03 1.53
C LEU A 171 -3.30 -4.11 1.29
N ILE A 172 -2.89 -5.36 1.43
CA ILE A 172 -3.81 -6.46 1.18
C ILE A 172 -4.86 -6.62 2.25
N ASP A 173 -4.43 -6.53 3.50
CA ASP A 173 -5.31 -6.74 4.65
C ASP A 173 -5.82 -5.51 5.37
N ALA A 174 -7.05 -5.08 5.07
CA ALA A 174 -7.64 -3.90 5.72
C ALA A 174 -7.73 -4.16 7.22
N ASP A 175 -7.96 -5.41 7.59
CA ASP A 175 -7.97 -5.80 8.99
C ASP A 175 -6.62 -6.54 9.15
N PRO A 176 -5.70 -6.03 10.00
CA PRO A 176 -5.78 -4.85 10.84
C PRO A 176 -5.17 -3.54 10.32
N TYR A 177 -4.51 -3.57 9.18
CA TYR A 177 -3.82 -2.35 8.68
C TYR A 177 -4.54 -1.02 8.54
N LEU A 178 -5.86 -1.05 8.41
CA LEU A 178 -6.58 0.21 8.32
C LEU A 178 -6.44 1.01 9.62
N LYS A 179 -6.05 0.33 10.70
CA LYS A 179 -5.85 0.96 12.00
C LYS A 179 -4.58 1.80 12.12
N TYR A 180 -3.67 1.68 11.16
CA TYR A 180 -2.43 2.45 11.21
C TYR A 180 -2.26 3.51 10.12
N LEU A 181 -1.52 4.56 10.47
CA LEU A 181 -1.21 5.65 9.52
C LEU A 181 -0.04 5.15 8.69
N PRO A 182 0.08 5.65 7.45
CA PRO A 182 1.17 5.25 6.56
C PRO A 182 2.57 5.40 7.18
N SER A 183 2.81 6.46 7.96
CA SER A 183 4.13 6.72 8.58
C SER A 183 4.53 5.61 9.58
N VAL A 184 3.53 5.15 10.31
CA VAL A 184 3.69 4.09 11.28
C VAL A 184 4.02 2.77 10.61
N ILE A 185 3.29 2.44 9.54
CA ILE A 185 3.52 1.21 8.82
C ILE A 185 4.86 1.27 8.15
N ALA A 186 5.24 2.43 7.64
CA ALA A 186 6.53 2.61 7.01
C ALA A 186 7.65 2.43 8.05
N ALA A 187 7.44 2.92 9.27
CA ALA A 187 8.45 2.80 10.33
C ALA A 187 8.64 1.34 10.73
N ALA A 188 7.53 0.64 10.93
CA ALA A 188 7.57 -0.77 11.32
C ALA A 188 8.22 -1.57 10.22
N ALA A 189 7.87 -1.24 8.98
CA ALA A 189 8.39 -1.91 7.79
C ALA A 189 9.88 -1.72 7.65
N PHE A 190 10.36 -0.51 7.92
CA PHE A 190 11.79 -0.17 7.86
C PHE A 190 12.57 -0.88 8.98
N HIS A 191 12.09 -0.77 10.21
CA HIS A 191 12.76 -1.46 11.32
C HIS A 191 12.90 -2.94 11.02
N LEU A 192 11.79 -3.56 10.66
CA LEU A 192 11.73 -4.99 10.40
C LEU A 192 12.67 -5.41 9.30
N ALA A 193 12.71 -4.60 8.23
CA ALA A 193 13.56 -4.91 7.10
C ALA A 193 15.03 -4.78 7.55
N LEU A 194 15.33 -3.71 8.29
CA LEU A 194 16.68 -3.48 8.81
C LEU A 194 17.14 -4.65 9.70
N TYR A 195 16.28 -5.02 10.66
CA TYR A 195 16.54 -6.09 11.58
C TYR A 195 16.73 -7.41 10.87
N THR A 196 15.84 -7.77 9.94
CA THR A 196 15.98 -9.03 9.23
C THR A 196 17.25 -9.15 8.40
N VAL A 197 17.66 -8.05 7.77
CA VAL A 197 18.84 -8.07 6.90
C VAL A 197 20.15 -7.77 7.61
N THR A 198 20.12 -6.82 8.55
CA THR A 198 21.34 -6.42 9.23
C THR A 198 21.44 -6.69 10.72
N GLY A 199 20.31 -6.95 11.37
CA GLY A 199 20.32 -7.19 12.80
C GLY A 199 20.21 -5.88 13.56
N GLN A 200 20.20 -4.78 12.78
CA GLN A 200 20.07 -3.43 13.30
C GLN A 200 18.60 -3.02 13.55
N SER A 201 18.40 -1.99 14.35
CA SER A 201 17.08 -1.48 14.68
C SER A 201 16.79 -0.03 14.28
N TRP A 202 15.53 0.35 14.43
CA TRP A 202 15.01 1.70 14.15
C TRP A 202 16.01 2.71 14.65
N PRO A 203 16.56 3.52 13.73
CA PRO A 203 17.56 4.56 13.98
C PRO A 203 17.15 5.67 14.95
N GLU A 204 18.10 6.08 15.78
CA GLU A 204 17.91 7.16 16.74
C GLU A 204 17.56 8.44 15.98
N SER A 205 18.23 8.68 14.84
CA SER A 205 17.94 9.87 14.06
C SER A 205 16.45 9.88 13.66
N LEU A 206 15.93 8.69 13.38
CA LEU A 206 14.52 8.53 13.02
C LEU A 206 13.63 8.68 14.24
N VAL A 207 14.07 8.15 15.38
CA VAL A 207 13.29 8.27 16.60
C VAL A 207 13.10 9.76 16.90
N GLN A 208 14.17 10.52 16.70
CA GLN A 208 14.14 11.95 16.93
C GLN A 208 13.28 12.69 15.89
N LYS A 209 13.50 12.39 14.63
CA LYS A 209 12.75 13.01 13.54
C LYS A 209 11.24 12.73 13.53
N THR A 210 10.86 11.49 13.77
CA THR A 210 9.47 11.07 13.74
C THR A 210 8.75 11.14 15.08
N GLY A 211 9.51 10.94 16.16
CA GLY A 211 8.93 10.92 17.49
C GLY A 211 8.42 9.51 17.79
N TYR A 212 8.68 8.57 16.87
CA TYR A 212 8.25 7.20 17.07
C TYR A 212 9.42 6.42 17.66
N THR A 213 9.10 5.52 18.58
CA THR A 213 10.08 4.66 19.22
C THR A 213 9.60 3.24 19.00
N LEU A 214 10.46 2.25 19.26
CA LEU A 214 10.07 0.86 19.09
C LEU A 214 8.90 0.50 20.00
N GLU A 215 8.72 1.30 21.05
CA GLU A 215 7.62 1.07 21.97
C GLU A 215 6.33 1.47 21.27
N THR A 216 6.30 2.68 20.73
CA THR A 216 5.10 3.17 20.05
C THR A 216 4.83 2.38 18.78
N LEU A 217 5.89 1.84 18.20
CA LEU A 217 5.81 1.05 16.98
C LEU A 217 5.49 -0.43 17.23
N LYS A 218 5.51 -0.83 18.50
CA LYS A 218 5.25 -2.22 18.85
C LYS A 218 3.93 -2.81 18.35
N PRO A 219 2.79 -2.11 18.53
CA PRO A 219 1.56 -2.73 18.04
C PRO A 219 1.58 -3.10 16.54
N CYS A 220 1.96 -2.15 15.69
CA CYS A 220 2.04 -2.37 14.26
C CYS A 220 3.11 -3.42 13.90
N LEU A 221 4.23 -3.41 14.64
CA LEU A 221 5.34 -4.34 14.41
C LEU A 221 4.97 -5.80 14.69
N LEU A 222 4.16 -6.02 15.72
CA LEU A 222 3.74 -7.36 16.06
C LEU A 222 2.86 -7.85 14.90
N ASP A 223 1.93 -7.00 14.47
CA ASP A 223 1.04 -7.35 13.35
C ASP A 223 1.82 -7.63 12.09
N LEU A 224 2.69 -6.69 11.72
CA LEU A 224 3.50 -6.83 10.52
C LEU A 224 4.42 -8.02 10.59
N HIS A 225 4.87 -8.36 11.80
CA HIS A 225 5.72 -9.54 11.98
C HIS A 225 4.93 -10.82 11.63
N GLN A 226 3.72 -10.97 12.17
CA GLN A 226 2.89 -12.13 11.89
C GLN A 226 2.60 -12.26 10.40
N THR A 227 2.16 -11.16 9.80
CA THR A 227 1.84 -11.10 8.37
C THR A 227 3.02 -11.61 7.56
N TYR A 228 4.20 -11.11 7.89
CA TYR A 228 5.43 -11.48 7.21
C TYR A 228 5.69 -12.98 7.37
N LEU A 229 5.49 -13.51 8.57
CA LEU A 229 5.70 -14.92 8.84
C LEU A 229 4.70 -15.80 8.11
N ARG A 230 3.44 -15.34 8.09
CA ARG A 230 2.35 -16.06 7.47
C ARG A 230 2.23 -15.89 5.97
N ALA A 231 2.94 -14.90 5.43
CA ALA A 231 2.92 -14.58 3.99
C ALA A 231 2.87 -15.75 2.99
N PRO A 232 3.75 -16.75 3.14
CA PRO A 232 3.69 -17.84 2.18
C PRO A 232 2.39 -18.66 2.19
N GLN A 233 1.60 -18.53 3.24
CA GLN A 233 0.36 -19.28 3.34
C GLN A 233 -0.87 -18.42 3.02
N HIS A 234 -0.67 -17.11 2.93
CA HIS A 234 -1.75 -16.17 2.63
C HIS A 234 -2.44 -16.50 1.29
N ALA A 235 -3.74 -16.30 1.21
CA ALA A 235 -4.47 -16.59 -0.02
C ALA A 235 -3.96 -15.81 -1.23
N GLN A 236 -3.68 -14.53 -1.04
CA GLN A 236 -3.13 -13.70 -2.13
C GLN A 236 -1.60 -13.82 -2.13
N GLN A 237 -1.04 -14.07 -3.31
CA GLN A 237 0.41 -14.27 -3.50
C GLN A 237 1.13 -13.38 -4.51
N SER A 238 0.45 -12.38 -5.07
CA SER A 238 1.07 -11.53 -6.08
C SER A 238 2.27 -10.68 -5.63
N ILE A 239 2.25 -10.22 -4.39
CA ILE A 239 3.34 -9.40 -3.90
C ILE A 239 4.57 -10.30 -3.70
N ARG A 240 4.38 -11.43 -3.01
CA ARG A 240 5.50 -12.37 -2.81
C ARG A 240 6.18 -12.68 -4.14
N GLU A 241 5.36 -13.02 -5.14
CA GLU A 241 5.88 -13.33 -6.46
C GLU A 241 6.64 -12.16 -7.06
N LYS A 242 6.10 -10.96 -6.89
CA LYS A 242 6.73 -9.74 -7.38
C LYS A 242 8.14 -9.53 -6.81
N TYR A 243 8.26 -9.70 -5.49
CA TYR A 243 9.53 -9.51 -4.80
C TYR A 243 10.55 -10.65 -4.88
N LYS A 244 10.25 -11.65 -5.69
CA LYS A 244 11.15 -12.78 -5.88
C LYS A 244 12.22 -12.45 -6.91
N ASN A 245 11.94 -11.45 -7.77
CA ASN A 245 12.87 -11.05 -8.81
C ASN A 245 14.07 -10.20 -8.36
N SER A 246 15.13 -10.24 -9.17
CA SER A 246 16.37 -9.50 -8.93
C SER A 246 16.18 -8.00 -8.72
N LYS A 247 15.14 -7.44 -9.34
CA LYS A 247 14.81 -6.03 -9.21
C LYS A 247 14.68 -5.75 -7.72
N TYR A 248 14.05 -6.69 -7.03
CA TYR A 248 13.80 -6.60 -5.61
C TYR A 248 14.72 -7.49 -4.78
N HIS A 249 15.87 -7.84 -5.37
CA HIS A 249 16.88 -8.64 -4.70
C HIS A 249 16.30 -9.93 -4.11
N GLY A 250 15.20 -10.40 -4.71
CA GLY A 250 14.57 -11.62 -4.25
C GLY A 250 14.28 -11.61 -2.75
N VAL A 251 14.02 -10.41 -2.20
CA VAL A 251 13.77 -10.30 -0.77
C VAL A 251 12.61 -11.12 -0.21
N SER A 252 11.64 -11.51 -1.04
CA SER A 252 10.50 -12.28 -0.57
C SER A 252 10.91 -13.70 -0.20
N LEU A 253 12.10 -14.09 -0.64
CA LEU A 253 12.62 -15.43 -0.37
C LEU A 253 13.49 -15.49 0.90
N LEU A 254 13.70 -14.34 1.54
CA LEU A 254 14.48 -14.29 2.77
C LEU A 254 13.65 -14.93 3.87
N ASN A 255 14.33 -15.41 4.90
CA ASN A 255 13.64 -16.00 6.03
C ASN A 255 13.41 -14.95 7.10
N PRO A 256 12.14 -14.73 7.45
CA PRO A 256 11.81 -13.74 8.47
C PRO A 256 12.41 -14.07 9.83
N PRO A 257 12.68 -13.04 10.65
CA PRO A 257 13.27 -13.26 11.97
C PRO A 257 12.28 -13.96 12.90
N GLU A 258 12.77 -15.03 13.52
CA GLU A 258 11.99 -15.83 14.47
C GLU A 258 11.40 -14.98 15.59
N THR A 259 12.21 -14.05 16.11
CA THR A 259 11.77 -13.17 17.20
C THR A 259 12.32 -11.77 16.93
N LEU A 260 11.78 -10.80 17.63
CA LEU A 260 12.22 -9.43 17.44
C LEU A 260 12.98 -8.84 18.65
N ASN A 261 13.00 -9.58 19.76
CA ASN A 261 13.71 -9.14 20.97
C ASN A 261 13.35 -7.72 21.31
N LEU A 262 12.05 -7.45 21.38
CA LEU A 262 11.57 -6.11 21.68
C LEU A 262 11.82 -5.67 23.11
#